data_1XDF
#
_entry.id   1XDF
#
_cell.length_a   48.956
_cell.length_b   69.243
_cell.length_c   112.918
_cell.angle_alpha   90.00
_cell.angle_beta   90.00
_cell.angle_gamma   90.00
#
_symmetry.space_group_name_H-M   'P 21 21 21'
#
loop_
_entity.id
_entity.type
_entity.pdbx_description
1 polymer PR10.2A
2 non-polymer 'SODIUM ION'
3 non-polymer '4-(2-HYDROXYETHYL)-1-PIPERAZINE ETHANESULFONIC ACID'
4 water water
#
_entity_poly.entity_id   1
_entity_poly.type   'polypeptide(L)'
_entity_poly.pdbx_seq_one_letter_code
;GVFTFEDESTSTIAPARLYKALVKDADAIIPKAVEAIQSIETVEGNGGPGTIKKLTLIEGGETKYVLHKIEAVDEANLRY
NYSIVGGVGLPDTIEKISFETKLVEGANGGSIGKVTIKIETKGDAQPNEEEGKAAKARGDAFFKAIENYLSAHPEYN
;
_entity_poly.pdbx_strand_id   A,B
#
loop_
_chem_comp.id
_chem_comp.type
_chem_comp.name
_chem_comp.formula
EPE non-polymer '4-(2-HYDROXYETHYL)-1-PIPERAZINE ETHANESULFONIC ACID' 'C8 H18 N2 O4 S'
NA non-polymer 'SODIUM ION' 'Na 1'
#
# COMPACT_ATOMS: atom_id res chain seq x y z
N GLY A 1 -23.95 -1.44 -1.62
CA GLY A 1 -24.38 -0.45 -0.67
C GLY A 1 -23.57 0.83 -0.77
N VAL A 2 -23.77 1.73 0.19
CA VAL A 2 -23.06 3.02 0.17
C VAL A 2 -22.66 3.34 1.61
N PHE A 3 -21.38 3.46 1.86
CA PHE A 3 -20.84 3.86 3.20
C PHE A 3 -20.42 5.30 3.16
N THR A 4 -21.07 6.13 3.97
CA THR A 4 -20.88 7.58 3.95
C THR A 4 -20.28 8.02 5.27
N PHE A 5 -19.22 8.81 5.21
CA PHE A 5 -18.72 9.44 6.42
C PHE A 5 -18.11 10.78 6.14
N GLU A 6 -17.73 11.46 7.20
CA GLU A 6 -17.33 12.87 7.07
C GLU A 6 -15.87 12.98 7.50
N ASP A 7 -15.11 13.85 6.86
CA ASP A 7 -13.73 14.08 7.25
C ASP A 7 -13.55 15.62 7.31
N GLU A 8 -12.71 16.13 8.18
CA GLU A 8 -12.51 17.58 8.20
C GLU A 8 -11.01 17.79 8.38
N SER A 9 -10.45 18.76 7.64
CA SER A 9 -9.05 19.12 7.79
C SER A 9 -8.95 20.66 7.86
N THR A 10 -7.76 21.14 8.13
CA THR A 10 -7.54 22.55 8.18
C THR A 10 -6.34 22.87 7.32
N SER A 11 -6.27 24.14 6.92
CA SER A 11 -5.08 24.68 6.32
C SER A 11 -4.84 26.11 6.80
N THR A 12 -3.56 26.49 6.84
CA THR A 12 -3.18 27.90 7.01
C THR A 12 -3.45 28.73 5.78
N ILE A 13 -3.70 28.07 4.66
CA ILE A 13 -3.90 28.77 3.39
C ILE A 13 -5.33 29.29 3.32
N ALA A 14 -5.50 30.50 2.82
CA ALA A 14 -6.83 31.11 2.65
C ALA A 14 -7.66 30.26 1.68
N PRO A 15 -8.95 30.08 1.93
CA PRO A 15 -9.76 29.15 1.12
C PRO A 15 -9.80 29.39 -0.39
N ALA A 16 -9.86 30.63 -0.84
CA ALA A 16 -9.97 30.85 -2.30
C ALA A 16 -8.68 30.41 -2.99
N ARG A 17 -7.56 30.58 -2.30
CA ARG A 17 -6.26 30.29 -2.90
C ARG A 17 -6.08 28.81 -2.97
N LEU A 18 -6.40 28.15 -1.87
CA LEU A 18 -6.35 26.67 -1.83
C LEU A 18 -7.29 26.05 -2.87
N TYR A 19 -8.52 26.55 -2.95
CA TYR A 19 -9.48 26.02 -3.87
C TYR A 19 -8.96 26.11 -5.29
N LYS A 20 -8.35 27.25 -5.61
CA LYS A 20 -7.93 27.49 -6.98
C LYS A 20 -6.94 26.43 -7.43
N ALA A 21 -5.94 26.15 -6.59
CA ALA A 21 -4.92 25.12 -6.84
C ALA A 21 -5.53 23.75 -6.98
N LEU A 22 -6.54 23.42 -6.14
CA LEU A 22 -7.20 22.11 -6.19
C LEU A 22 -7.82 21.88 -7.51
N VAL A 23 -8.44 22.92 -8.06
CA VAL A 23 -9.23 22.73 -9.29
C VAL A 23 -8.48 23.12 -10.59
N LYS A 24 -7.49 24.02 -10.51
CA LYS A 24 -6.74 24.42 -11.69
C LYS A 24 -5.38 23.72 -11.85
N ASP A 25 -4.74 23.33 -10.75
CA ASP A 25 -3.31 22.97 -10.79
C ASP A 25 -3.00 21.57 -10.32
N ALA A 26 -4.03 20.73 -10.25
CA ALA A 26 -3.86 19.35 -9.78
C ALA A 26 -2.89 18.54 -10.60
N ASP A 27 -2.99 18.64 -11.89
CA ASP A 27 -2.17 17.84 -12.81
C ASP A 27 -0.67 18.10 -12.54
N ALA A 28 -0.30 19.38 -12.40
CA ALA A 28 1.08 19.78 -12.11
C ALA A 28 1.56 19.45 -10.69
N ILE A 29 0.67 19.46 -9.70
CA ILE A 29 1.11 19.33 -8.31
C ILE A 29 1.23 17.91 -7.84
N ILE A 30 0.24 17.12 -8.21
CA ILE A 30 0.06 15.80 -7.66
C ILE A 30 1.29 14.87 -7.77
N PRO A 31 1.93 14.74 -8.94
CA PRO A 31 3.13 13.89 -9.02
C PRO A 31 4.32 14.43 -8.23
N LYS A 32 4.36 15.73 -7.99
CA LYS A 32 5.36 16.29 -7.11
C LYS A 32 4.98 16.12 -5.67
N ALA A 33 3.69 16.07 -5.36
CA ALA A 33 3.21 15.97 -3.98
C ALA A 33 3.25 14.53 -3.44
N VAL A 34 3.28 13.54 -4.32
CA VAL A 34 3.16 12.13 -3.90
C VAL A 34 4.24 11.30 -4.61
N GLU A 35 5.23 10.83 -3.84
CA GLU A 35 6.41 10.19 -4.41
C GLU A 35 6.00 9.01 -5.28
N ALA A 36 5.07 8.21 -4.79
CA ALA A 36 4.59 7.05 -5.52
C ALA A 36 3.87 7.40 -6.85
N ILE A 37 3.20 8.53 -6.93
CA ILE A 37 2.50 8.91 -8.17
C ILE A 37 3.51 9.43 -9.19
N GLN A 38 3.61 8.70 -10.31
CA GLN A 38 4.53 9.00 -11.40
C GLN A 38 3.99 10.09 -12.34
N SER A 39 2.70 10.02 -12.63
CA SER A 39 2.08 10.93 -13.61
C SER A 39 0.56 10.97 -13.52
N ILE A 40 -0.01 12.07 -14.00
CA ILE A 40 -1.44 12.26 -14.22
C ILE A 40 -1.59 12.68 -15.68
N GLU A 41 -2.57 12.12 -16.37
CA GLU A 41 -2.82 12.44 -17.76
C GLU A 41 -4.30 12.64 -17.85
N THR A 42 -4.74 13.67 -18.56
CA THR A 42 -6.16 13.82 -18.77
C THR A 42 -6.53 12.93 -19.92
N VAL A 43 -7.42 11.98 -19.67
CA VAL A 43 -7.97 11.11 -20.72
C VAL A 43 -9.07 11.78 -21.57
N GLU A 44 -10.13 12.26 -20.96
CA GLU A 44 -11.23 12.96 -21.65
C GLU A 44 -11.67 14.24 -20.91
N GLY A 45 -12.17 15.26 -21.63
CA GLY A 45 -12.61 16.54 -21.07
C GLY A 45 -11.55 17.64 -20.87
N ASN A 46 -11.90 18.76 -20.21
CA ASN A 46 -11.00 19.94 -20.03
C ASN A 46 -10.84 20.49 -18.61
N GLY A 47 -11.32 19.77 -17.60
CA GLY A 47 -11.18 20.19 -16.22
C GLY A 47 -12.48 20.55 -15.54
N GLY A 48 -13.57 20.55 -16.29
CA GLY A 48 -14.87 20.75 -15.70
C GLY A 48 -15.48 19.40 -15.46
N PRO A 49 -16.69 19.38 -14.93
CA PRO A 49 -17.43 18.14 -14.64
C PRO A 49 -17.49 17.17 -15.81
N GLY A 50 -17.27 15.89 -15.57
CA GLY A 50 -17.24 14.87 -16.59
C GLY A 50 -15.82 14.48 -17.01
N THR A 51 -14.86 15.33 -16.68
CA THR A 51 -13.47 15.11 -16.99
C THR A 51 -12.97 13.86 -16.31
N ILE A 52 -12.26 13.04 -17.08
CA ILE A 52 -11.63 11.81 -16.63
C ILE A 52 -10.14 11.90 -16.79
N LYS A 53 -9.43 11.53 -15.73
CA LYS A 53 -8.00 11.55 -15.69
C LYS A 53 -7.45 10.19 -15.21
N LYS A 54 -6.20 9.88 -15.61
CA LYS A 54 -5.52 8.66 -15.25
C LYS A 54 -4.25 8.96 -14.46
N LEU A 55 -4.18 8.43 -13.26
CA LEU A 55 -3.02 8.54 -12.42
C LEU A 55 -2.23 7.25 -12.58
N THR A 56 -0.94 7.34 -12.87
CA THR A 56 -0.06 6.20 -12.97
C THR A 56 0.80 6.21 -11.69
N LEU A 57 0.80 5.10 -10.95
CA LEU A 57 1.49 5.03 -9.66
C LEU A 57 2.14 3.68 -9.46
N ILE A 58 3.16 3.65 -8.60
CA ILE A 58 3.89 2.43 -8.24
C ILE A 58 3.51 2.06 -6.81
N GLU A 59 3.15 0.80 -6.61
CA GLU A 59 2.70 0.30 -5.30
C GLU A 59 3.34 -1.05 -5.16
N GLY A 60 4.24 -1.19 -4.20
CA GLY A 60 5.12 -2.35 -4.21
C GLY A 60 5.94 -2.39 -5.50
N GLY A 61 6.06 -3.56 -6.10
CA GLY A 61 6.72 -3.73 -7.38
C GLY A 61 5.87 -3.50 -8.64
N GLU A 62 4.65 -3.00 -8.46
CA GLU A 62 3.64 -2.98 -9.52
C GLU A 62 3.25 -1.59 -9.99
N THR A 63 3.26 -1.36 -11.31
CA THR A 63 2.71 -0.14 -11.90
C THR A 63 1.20 -0.30 -12.12
N LYS A 64 0.43 0.64 -11.56
CA LYS A 64 -1.00 0.55 -11.55
C LYS A 64 -1.58 1.87 -12.03
N TYR A 65 -2.86 1.89 -12.32
CA TYR A 65 -3.59 3.17 -12.47
C TYR A 65 -4.94 3.28 -11.78
N VAL A 66 -5.27 4.50 -11.43
CA VAL A 66 -6.67 4.76 -11.10
C VAL A 66 -7.14 5.81 -12.03
N LEU A 67 -8.45 5.77 -12.26
CA LEU A 67 -9.21 6.78 -12.97
C LEU A 67 -9.94 7.65 -12.00
N HIS A 68 -9.79 8.95 -12.22
CA HIS A 68 -10.45 10.03 -11.49
C HIS A 68 -11.45 10.73 -12.41
N LYS A 69 -12.61 11.05 -11.87
CA LYS A 69 -13.63 11.82 -12.54
C LYS A 69 -13.94 13.05 -11.73
N ILE A 70 -14.07 14.16 -12.43
CA ILE A 70 -14.53 15.36 -11.79
C ILE A 70 -16.02 15.32 -11.85
N GLU A 71 -16.67 15.35 -10.67
CA GLU A 71 -18.12 15.25 -10.53
C GLU A 71 -18.77 16.64 -10.59
N ALA A 72 -18.24 17.61 -9.88
CA ALA A 72 -18.87 18.93 -9.80
C ALA A 72 -17.88 19.98 -9.36
N VAL A 73 -18.01 21.13 -9.96
CA VAL A 73 -17.19 22.28 -9.60
C VAL A 73 -18.07 23.49 -9.47
N ASP A 74 -18.12 24.09 -8.28
CA ASP A 74 -18.96 25.27 -8.01
C ASP A 74 -18.11 26.29 -7.26
N GLU A 75 -17.49 27.18 -8.01
CA GLU A 75 -16.49 28.10 -7.48
C GLU A 75 -17.12 29.14 -6.53
N ALA A 76 -18.38 29.51 -6.78
CA ALA A 76 -19.06 30.50 -5.95
C ALA A 76 -19.16 30.02 -4.49
N ASN A 77 -19.35 28.72 -4.28
CA ASN A 77 -19.37 28.14 -2.92
C ASN A 77 -18.12 27.34 -2.50
N LEU A 78 -17.03 27.47 -3.25
CA LEU A 78 -15.80 26.69 -3.05
C LEU A 78 -16.03 25.16 -2.92
N ARG A 79 -16.89 24.66 -3.81
CA ARG A 79 -17.23 23.24 -3.86
C ARG A 79 -16.54 22.50 -5.00
N TYR A 80 -16.01 21.34 -4.68
CA TYR A 80 -15.29 20.52 -5.65
C TYR A 80 -15.61 19.09 -5.31
N ASN A 81 -16.35 18.41 -6.20
CA ASN A 81 -16.68 16.98 -6.03
C ASN A 81 -16.00 16.12 -7.08
N TYR A 82 -15.47 14.99 -6.65
CA TYR A 82 -14.77 14.08 -7.54
C TYR A 82 -14.88 12.67 -7.06
N SER A 83 -14.57 11.72 -7.96
CA SER A 83 -14.54 10.31 -7.64
C SER A 83 -13.41 9.55 -8.28
N ILE A 84 -13.12 8.40 -7.70
CA ILE A 84 -12.17 7.41 -8.20
C ILE A 84 -13.02 6.23 -8.66
N VAL A 85 -12.83 5.78 -9.89
CA VAL A 85 -13.78 4.79 -10.45
C VAL A 85 -13.27 3.33 -10.52
N GLY A 86 -14.24 2.39 -10.39
CA GLY A 86 -14.02 0.98 -9.98
C GLY A 86 -12.86 0.32 -10.66
N GLY A 87 -11.90 -0.24 -9.92
CA GLY A 87 -10.95 -1.12 -10.58
C GLY A 87 -9.53 -1.30 -10.06
N VAL A 88 -8.53 -1.03 -10.92
CA VAL A 88 -7.15 -1.54 -10.69
C VAL A 88 -6.64 -1.03 -9.34
N GLY A 89 -6.97 0.22 -9.03
CA GLY A 89 -6.45 0.88 -7.85
C GLY A 89 -7.37 0.93 -6.67
N LEU A 90 -8.58 0.39 -6.82
CA LEU A 90 -9.47 0.20 -5.68
C LEU A 90 -9.59 -1.24 -5.24
N PRO A 91 -9.83 -1.46 -3.96
CA PRO A 91 -10.10 -2.83 -3.53
C PRO A 91 -11.27 -3.41 -4.33
N ASP A 92 -11.31 -4.75 -4.37
CA ASP A 92 -12.19 -5.51 -5.25
C ASP A 92 -13.65 -5.32 -4.86
N THR A 93 -13.89 -5.14 -3.57
CA THR A 93 -15.25 -4.95 -3.11
C THR A 93 -15.81 -3.55 -3.38
N ILE A 94 -15.06 -2.66 -4.02
CA ILE A 94 -15.48 -1.27 -4.12
C ILE A 94 -15.65 -0.80 -5.56
N GLU A 95 -16.86 -0.36 -5.93
CA GLU A 95 -17.16 0.14 -7.26
C GLU A 95 -16.65 1.55 -7.54
N LYS A 96 -16.68 2.39 -6.52
CA LYS A 96 -16.39 3.79 -6.68
C LYS A 96 -16.25 4.36 -5.28
N ILE A 97 -15.43 5.39 -5.14
CA ILE A 97 -15.39 6.23 -3.93
C ILE A 97 -15.46 7.66 -4.40
N SER A 98 -16.39 8.43 -3.84
CA SER A 98 -16.57 9.82 -4.12
C SER A 98 -16.15 10.66 -2.94
N PHE A 99 -15.55 11.82 -3.24
CA PHE A 99 -15.23 12.89 -2.29
C PHE A 99 -16.00 14.20 -2.62
N GLU A 100 -16.82 14.65 -1.69
CA GLU A 100 -17.58 15.89 -1.81
C GLU A 100 -16.91 16.92 -0.87
N THR A 101 -16.20 17.90 -1.42
CA THR A 101 -15.39 18.82 -0.60
C THR A 101 -15.95 20.22 -0.66
N LYS A 102 -15.85 20.93 0.45
CA LYS A 102 -16.16 22.35 0.50
C LYS A 102 -15.10 23.01 1.32
N LEU A 103 -14.58 24.15 0.87
CA LEU A 103 -13.66 24.91 1.72
C LEU A 103 -14.39 26.13 2.33
N VAL A 104 -14.13 26.36 3.60
CA VAL A 104 -14.79 27.41 4.34
C VAL A 104 -13.72 28.17 5.15
N GLU A 105 -13.94 29.44 5.39
CA GLU A 105 -12.96 30.23 6.08
C GLU A 105 -12.99 29.88 7.58
N GLY A 106 -11.85 29.51 8.15
CA GLY A 106 -11.74 29.41 9.61
C GLY A 106 -11.78 30.78 10.27
N ALA A 107 -12.26 30.82 11.51
CA ALA A 107 -12.26 32.07 12.26
C ALA A 107 -10.96 32.87 12.15
N ASN A 108 -9.81 32.20 12.13
CA ASN A 108 -8.56 32.94 12.10
C ASN A 108 -8.00 33.17 10.66
N GLY A 109 -8.79 32.83 9.66
CA GLY A 109 -8.46 33.21 8.29
C GLY A 109 -7.85 32.10 7.45
N GLY A 110 -7.48 30.98 8.08
CA GLY A 110 -7.13 29.80 7.34
C GLY A 110 -8.36 29.13 6.75
N SER A 111 -8.26 27.83 6.41
CA SER A 111 -9.36 27.11 5.80
C SER A 111 -9.76 25.93 6.66
N ILE A 112 -11.02 25.56 6.54
CA ILE A 112 -11.51 24.27 7.01
C ILE A 112 -12.00 23.55 5.77
N GLY A 113 -11.52 22.34 5.53
CA GLY A 113 -11.94 21.60 4.36
C GLY A 113 -12.94 20.58 4.90
N LYS A 114 -14.19 20.68 4.48
CA LYS A 114 -15.26 19.77 4.90
C LYS A 114 -15.43 18.77 3.75
N VAL A 115 -15.28 17.48 4.06
CA VAL A 115 -15.39 16.40 3.07
C VAL A 115 -16.40 15.32 3.50
N THR A 116 -17.25 14.92 2.56
CA THR A 116 -18.13 13.77 2.70
C THR A 116 -17.58 12.73 1.73
N ILE A 117 -17.25 11.58 2.25
CA ILE A 117 -16.81 10.45 1.45
C ILE A 117 -17.92 9.41 1.35
N LYS A 118 -18.18 9.00 0.13
CA LYS A 118 -19.13 7.93 -0.13
C LYS A 118 -18.43 6.79 -0.88
N ILE A 119 -18.36 5.63 -0.23
CA ILE A 119 -17.85 4.39 -0.76
C ILE A 119 -18.96 3.48 -1.20
N GLU A 120 -18.97 3.19 -2.50
CA GLU A 120 -19.97 2.36 -3.09
C GLU A 120 -19.47 0.92 -3.24
N THR A 121 -20.18 0.01 -2.62
CA THR A 121 -19.82 -1.38 -2.61
C THR A 121 -20.74 -2.16 -3.49
N LYS A 122 -20.20 -3.27 -3.92
CA LYS A 122 -20.96 -4.29 -4.60
C LYS A 122 -21.92 -5.02 -3.63
N GLY A 123 -21.45 -5.33 -2.41
CA GLY A 123 -22.25 -6.09 -1.45
C GLY A 123 -22.98 -5.36 -0.32
N ASP A 124 -23.42 -6.14 0.68
CA ASP A 124 -24.30 -5.66 1.74
C ASP A 124 -23.57 -5.62 3.07
N ALA A 125 -22.24 -5.54 2.99
CA ALA A 125 -21.38 -5.36 4.15
C ALA A 125 -20.50 -4.17 3.87
N GLN A 126 -20.59 -3.16 4.75
CA GLN A 126 -19.71 -2.00 4.67
C GLN A 126 -18.27 -2.50 4.61
N PRO A 127 -17.39 -1.75 3.93
CA PRO A 127 -16.01 -2.21 3.74
C PRO A 127 -15.32 -2.44 5.07
N ASN A 128 -14.49 -3.49 5.13
CA ASN A 128 -13.58 -3.69 6.28
C ASN A 128 -12.63 -2.50 6.39
N GLU A 129 -12.01 -2.32 7.55
CA GLU A 129 -11.29 -1.07 7.82
C GLU A 129 -10.22 -0.77 6.74
N GLU A 130 -9.48 -1.79 6.28
CA GLU A 130 -8.29 -1.56 5.44
C GLU A 130 -8.73 -1.16 4.05
N GLU A 131 -9.71 -1.90 3.52
CA GLU A 131 -10.17 -1.67 2.16
C GLU A 131 -10.75 -0.26 2.11
N GLY A 132 -11.36 0.23 3.17
CA GLY A 132 -11.85 1.59 3.12
C GLY A 132 -10.75 2.64 3.27
N LYS A 133 -9.77 2.35 4.12
CA LYS A 133 -8.60 3.21 4.26
C LYS A 133 -7.84 3.26 2.93
N ALA A 134 -7.76 2.16 2.22
CA ALA A 134 -6.99 2.14 0.96
C ALA A 134 -7.73 2.93 -0.10
N ALA A 135 -9.02 2.73 -0.14
CA ALA A 135 -9.82 3.53 -1.07
C ALA A 135 -9.78 5.04 -0.79
N LYS A 136 -9.93 5.43 0.47
CA LYS A 136 -9.84 6.83 0.89
C LYS A 136 -8.52 7.44 0.48
N ALA A 137 -7.45 6.66 0.69
CA ALA A 137 -6.10 7.10 0.35
C ALA A 137 -5.94 7.44 -1.09
N ARG A 138 -6.61 6.72 -2.02
CA ARG A 138 -6.61 7.09 -3.43
C ARG A 138 -7.16 8.49 -3.73
N GLY A 139 -8.16 8.87 -2.97
CA GLY A 139 -8.73 10.19 -3.08
C GLY A 139 -7.93 11.30 -2.45
N ASP A 140 -6.91 10.98 -1.65
CA ASP A 140 -6.20 12.00 -0.89
C ASP A 140 -5.28 12.78 -1.80
N ALA A 141 -4.81 12.09 -2.85
CA ALA A 141 -3.96 12.72 -3.85
C ALA A 141 -4.58 14.04 -4.30
N PHE A 142 -5.93 14.09 -4.38
CA PHE A 142 -6.59 15.23 -4.98
C PHE A 142 -7.00 16.36 -4.05
N PHE A 143 -6.75 16.24 -2.76
CA PHE A 143 -7.20 17.24 -1.77
C PHE A 143 -6.07 17.38 -0.71
N LYS A 144 -6.07 16.55 0.30
CA LYS A 144 -5.03 16.58 1.35
C LYS A 144 -3.61 16.61 0.84
N ALA A 145 -3.25 15.81 -0.17
CA ALA A 145 -1.84 15.80 -0.59
C ALA A 145 -1.48 17.13 -1.25
N ILE A 146 -2.42 17.75 -1.97
CA ILE A 146 -2.13 19.04 -2.56
C ILE A 146 -2.01 20.09 -1.47
N GLU A 147 -2.89 20.10 -0.46
CA GLU A 147 -2.77 21.13 0.60
C GLU A 147 -1.45 20.95 1.34
N ASN A 148 -1.02 19.72 1.47
CA ASN A 148 0.22 19.46 2.14
C ASN A 148 1.44 19.96 1.41
N TYR A 149 1.50 19.72 0.12
CA TYR A 149 2.60 20.18 -0.68
C TYR A 149 2.63 21.72 -0.72
N LEU A 150 1.45 22.33 -0.87
CA LEU A 150 1.37 23.79 -0.92
C LEU A 150 1.79 24.45 0.38
N SER A 151 1.43 23.86 1.51
CA SER A 151 1.73 24.46 2.82
C SER A 151 3.23 24.55 3.07
N ALA A 152 3.99 23.64 2.46
CA ALA A 152 5.45 23.65 2.54
C ALA A 152 6.14 24.35 1.36
N HIS A 153 5.36 24.90 0.42
CA HIS A 153 5.92 25.52 -0.80
C HIS A 153 6.12 27.03 -0.60
N PRO A 154 7.21 27.59 -1.10
CA PRO A 154 7.45 29.04 -0.97
C PRO A 154 6.28 29.98 -1.37
N GLU A 155 5.50 29.62 -2.39
CA GLU A 155 4.45 30.51 -2.89
C GLU A 155 3.29 30.68 -1.90
N TYR A 156 3.06 29.69 -1.03
CA TYR A 156 1.97 29.72 -0.05
C TYR A 156 2.36 29.91 1.38
N ASN A 157 3.60 30.32 1.63
CA ASN A 157 4.15 30.69 2.94
C ASN A 157 4.08 32.14 3.28
N GLY B 1 -5.62 -29.44 6.79
CA GLY B 1 -5.26 -28.83 8.03
C GLY B 1 -4.47 -27.55 7.98
N VAL B 2 -4.73 -26.55 8.88
CA VAL B 2 -4.10 -25.21 8.83
C VAL B 2 -3.67 -24.81 10.27
N PHE B 3 -2.38 -24.46 10.49
CA PHE B 3 -1.93 -24.01 11.81
C PHE B 3 -1.65 -22.55 11.73
N THR B 4 -2.37 -21.78 12.52
CA THR B 4 -2.25 -20.33 12.55
C THR B 4 -1.61 -19.89 13.84
N PHE B 5 -0.64 -18.98 13.75
CA PHE B 5 -0.17 -18.33 14.98
C PHE B 5 0.35 -16.95 14.70
N GLU B 6 0.63 -16.22 15.75
CA GLU B 6 0.92 -14.81 15.54
C GLU B 6 2.33 -14.56 16.01
N ASP B 7 3.04 -13.65 15.35
CA ASP B 7 4.30 -13.20 15.87
C ASP B 7 4.33 -11.68 15.79
N GLU B 8 5.25 -11.11 16.52
CA GLU B 8 5.41 -9.66 16.51
C GLU B 8 6.88 -9.42 16.52
N SER B 9 7.30 -8.42 15.78
CA SER B 9 8.67 -7.97 15.79
C SER B 9 8.70 -6.42 15.93
N THR B 10 9.88 -5.89 16.23
CA THR B 10 10.11 -4.44 16.23
C THR B 10 11.28 -4.06 15.34
N SER B 11 11.32 -2.79 14.96
CA SER B 11 12.45 -2.21 14.21
C SER B 11 12.61 -0.77 14.63
N THR B 12 13.84 -0.29 14.60
CA THR B 12 14.12 1.13 14.77
C THR B 12 13.87 1.88 13.49
N ILE B 13 13.69 1.18 12.38
CA ILE B 13 13.40 1.83 11.09
C ILE B 13 11.95 2.25 11.07
N ALA B 14 11.65 3.44 10.54
CA ALA B 14 10.28 3.90 10.51
C ALA B 14 9.47 3.07 9.52
N PRO B 15 8.16 2.93 9.74
CA PRO B 15 7.33 1.99 8.99
C PRO B 15 7.35 2.19 7.47
N ALA B 16 7.20 3.41 6.97
CA ALA B 16 7.28 3.68 5.53
C ALA B 16 8.56 3.22 4.90
N ARG B 17 9.70 3.45 5.53
CA ARG B 17 10.99 3.11 4.93
C ARG B 17 11.18 1.59 4.93
N LEU B 18 10.86 0.97 6.04
CA LEU B 18 10.98 -0.49 6.13
C LEU B 18 10.08 -1.17 5.07
N TYR B 19 8.85 -0.69 4.93
CA TYR B 19 7.89 -1.30 4.02
C TYR B 19 8.41 -1.22 2.59
N LYS B 20 9.01 -0.06 2.21
CA LYS B 20 9.57 0.12 0.86
C LYS B 20 10.56 -0.97 0.56
N ALA B 21 11.45 -1.24 1.50
CA ALA B 21 12.44 -2.28 1.31
C ALA B 21 11.76 -3.64 1.18
N LEU B 22 10.73 -3.91 1.98
CA LEU B 22 10.04 -5.18 1.91
C LEU B 22 9.41 -5.50 0.56
N VAL B 23 8.77 -4.50 -0.07
CA VAL B 23 7.95 -4.76 -1.25
C VAL B 23 8.48 -4.16 -2.53
N LYS B 24 9.30 -3.12 -2.45
CA LYS B 24 9.82 -2.56 -3.68
C LYS B 24 11.25 -3.04 -3.92
N ASP B 25 12.05 -3.18 -2.88
CA ASP B 25 13.48 -3.41 -3.07
C ASP B 25 13.88 -4.80 -2.63
N ALA B 26 12.92 -5.67 -2.32
CA ALA B 26 13.20 -7.03 -1.82
C ALA B 26 14.12 -7.84 -2.72
N ASP B 27 13.90 -7.80 -4.03
CA ASP B 27 14.61 -8.67 -4.92
C ASP B 27 16.12 -8.31 -4.88
N ALA B 28 16.40 -7.02 -4.72
CA ALA B 28 17.78 -6.58 -4.60
C ALA B 28 18.38 -6.93 -3.27
N ILE B 29 17.59 -6.88 -2.22
CA ILE B 29 18.15 -7.03 -0.86
C ILE B 29 18.32 -8.50 -0.45
N ILE B 30 17.34 -9.33 -0.79
CA ILE B 30 17.26 -10.67 -0.24
C ILE B 30 18.55 -11.52 -0.46
N PRO B 31 19.18 -11.50 -1.63
CA PRO B 31 20.44 -12.26 -1.82
C PRO B 31 21.68 -11.70 -1.07
N LYS B 32 21.69 -10.40 -0.78
CA LYS B 32 22.70 -9.80 0.11
C LYS B 32 22.38 -10.02 1.58
N ALA B 33 21.14 -10.38 1.90
CA ALA B 33 20.70 -10.46 3.29
C ALA B 33 20.75 -11.88 3.83
N VAL B 34 20.63 -12.86 2.94
CA VAL B 34 20.63 -14.25 3.29
C VAL B 34 21.72 -14.91 2.44
N GLU B 35 22.93 -14.96 3.00
CA GLU B 35 24.04 -15.75 2.43
C GLU B 35 23.53 -16.85 1.48
N ALA B 36 22.83 -17.83 2.03
CA ALA B 36 22.37 -19.00 1.27
C ALA B 36 21.62 -18.67 -0.03
N ILE B 37 20.83 -17.59 -0.05
CA ILE B 37 20.17 -17.18 -1.28
C ILE B 37 21.09 -16.51 -2.30
N GLN B 38 21.16 -17.21 -3.45
CA GLN B 38 22.02 -16.90 -4.58
C GLN B 38 21.35 -15.94 -5.56
N SER B 39 20.08 -16.18 -5.85
CA SER B 39 19.34 -15.40 -6.84
C SER B 39 17.81 -15.58 -6.76
N ILE B 40 17.09 -14.60 -7.34
CA ILE B 40 15.65 -14.56 -7.43
C ILE B 40 15.27 -14.30 -8.84
N GLU B 41 14.35 -15.08 -9.36
CA GLU B 41 13.78 -14.71 -10.62
C GLU B 41 12.27 -14.85 -10.64
N THR B 42 11.63 -13.96 -11.38
CA THR B 42 10.20 -14.01 -11.57
C THR B 42 9.81 -15.09 -12.58
N VAL B 43 8.94 -16.00 -12.18
CA VAL B 43 8.48 -17.08 -13.05
C VAL B 43 7.10 -16.71 -13.67
N GLU B 44 6.39 -15.81 -13.01
CA GLU B 44 5.06 -15.43 -13.44
C GLU B 44 4.68 -14.09 -12.77
N GLY B 45 4.13 -13.18 -13.53
CA GLY B 45 3.59 -11.94 -12.99
C GLY B 45 4.50 -10.72 -13.13
N ASN B 46 3.94 -9.58 -12.78
CA ASN B 46 4.52 -8.26 -13.06
C ASN B 46 5.04 -7.61 -11.78
N GLY B 47 4.83 -8.26 -10.65
CA GLY B 47 5.44 -7.87 -9.41
C GLY B 47 4.39 -7.56 -8.39
N GLY B 48 3.12 -7.67 -8.76
CA GLY B 48 2.05 -7.53 -7.80
C GLY B 48 1.49 -8.87 -7.38
N PRO B 49 0.35 -8.83 -6.70
CA PRO B 49 -0.32 -10.05 -6.22
C PRO B 49 -0.47 -11.10 -7.31
N GLY B 50 -0.22 -12.38 -7.01
CA GLY B 50 -0.12 -13.39 -8.03
C GLY B 50 1.30 -13.73 -8.49
N THR B 51 2.25 -12.85 -8.23
CA THR B 51 3.60 -12.99 -8.77
C THR B 51 4.27 -14.12 -8.04
N ILE B 52 4.88 -15.02 -8.79
CA ILE B 52 5.63 -16.17 -8.28
C ILE B 52 7.08 -15.95 -8.61
N LYS B 53 7.94 -16.06 -7.62
CA LYS B 53 9.38 -15.94 -7.79
C LYS B 53 9.99 -17.28 -7.33
N LYS B 54 10.99 -17.77 -8.04
CA LYS B 54 11.80 -18.91 -7.64
C LYS B 54 13.10 -18.34 -7.06
N LEU B 55 13.42 -18.69 -5.82
CA LEU B 55 14.67 -18.32 -5.25
C LEU B 55 15.58 -19.54 -5.48
N THR B 56 16.81 -19.33 -5.89
CA THR B 56 17.74 -20.42 -5.97
C THR B 56 18.69 -20.25 -4.78
N LEU B 57 18.90 -21.36 -4.05
CA LEU B 57 19.66 -21.42 -2.81
C LEU B 57 20.77 -22.48 -2.83
N ILE B 58 21.86 -22.23 -2.11
CA ILE B 58 22.87 -23.28 -1.80
C ILE B 58 23.14 -23.31 -0.29
N GLU B 59 22.78 -24.41 0.39
CA GLU B 59 23.05 -24.55 1.84
C GLU B 59 23.76 -25.86 2.22
N GLY B 60 23.02 -26.99 2.17
CA GLY B 60 23.53 -28.28 2.64
C GLY B 60 24.34 -29.10 1.64
N GLY B 61 25.04 -28.41 0.74
CA GLY B 61 25.91 -29.05 -0.24
C GLY B 61 25.20 -29.34 -1.56
N GLU B 62 24.24 -28.49 -1.92
CA GLU B 62 23.41 -28.72 -3.10
C GLU B 62 22.53 -27.51 -3.40
N THR B 63 21.85 -27.59 -4.54
CA THR B 63 20.98 -26.53 -4.99
C THR B 63 19.54 -26.89 -4.67
N LYS B 64 18.88 -26.03 -3.88
CA LYS B 64 17.45 -26.16 -3.59
C LYS B 64 16.72 -24.87 -4.05
N TYR B 65 15.41 -25.00 -4.18
CA TYR B 65 14.56 -23.88 -4.60
C TYR B 65 13.50 -23.65 -3.57
N VAL B 66 12.98 -22.40 -3.55
CA VAL B 66 11.87 -21.99 -2.75
C VAL B 66 11.01 -21.22 -3.73
N LEU B 67 9.71 -21.39 -3.70
CA LEU B 67 8.84 -20.66 -4.59
C LEU B 67 8.03 -19.69 -3.76
N HIS B 68 8.14 -18.41 -4.05
CA HIS B 68 7.52 -17.35 -3.25
C HIS B 68 6.37 -16.82 -4.08
N LYS B 69 5.21 -16.61 -3.47
CA LYS B 69 4.07 -15.88 -4.09
C LYS B 69 3.70 -14.66 -3.28
N ILE B 70 3.54 -13.55 -3.97
CA ILE B 70 2.93 -12.37 -3.41
C ILE B 70 1.39 -12.57 -3.35
N GLU B 71 0.84 -12.48 -2.14
CA GLU B 71 -0.61 -12.65 -1.94
C GLU B 71 -1.33 -11.33 -1.91
N ALA B 72 -0.76 -10.34 -1.23
CA ALA B 72 -1.36 -9.00 -1.13
C ALA B 72 -0.31 -7.94 -0.91
N VAL B 73 -0.53 -6.78 -1.51
CA VAL B 73 0.28 -5.60 -1.27
C VAL B 73 -0.68 -4.41 -1.19
N ASP B 74 -0.67 -3.71 -0.07
CA ASP B 74 -1.59 -2.56 0.11
C ASP B 74 -0.86 -1.53 0.90
N GLU B 75 -0.25 -0.58 0.20
CA GLU B 75 0.67 0.32 0.83
C GLU B 75 0.00 1.26 1.79
N ALA B 76 -1.22 1.66 1.45
CA ALA B 76 -1.99 2.51 2.36
C ALA B 76 -2.14 1.94 3.80
N ASN B 77 -2.13 0.61 3.95
CA ASN B 77 -2.17 -0.05 5.25
C ASN B 77 -0.83 -0.74 5.63
N LEU B 78 0.24 -0.45 4.91
CA LEU B 78 1.56 -1.07 5.13
C LEU B 78 1.44 -2.59 5.28
N ARG B 79 0.70 -3.15 4.35
CA ARG B 79 0.30 -4.56 4.35
C ARG B 79 1.02 -5.29 3.24
N TYR B 80 1.61 -6.41 3.59
CA TYR B 80 2.30 -7.23 2.63
C TYR B 80 2.07 -8.67 3.09
N ASN B 81 1.41 -9.46 2.27
CA ASN B 81 1.08 -10.84 2.57
C ASN B 81 1.78 -11.64 1.47
N TYR B 82 2.45 -12.70 1.88
CA TYR B 82 3.16 -13.56 0.93
C TYR B 82 3.14 -15.02 1.42
N SER B 83 3.45 -15.94 0.52
CA SER B 83 3.48 -17.33 0.87
C SER B 83 4.68 -18.04 0.21
N ILE B 84 5.08 -19.17 0.78
CA ILE B 84 5.96 -20.11 0.16
C ILE B 84 5.06 -21.27 -0.24
N VAL B 85 5.10 -21.65 -1.52
CA VAL B 85 4.00 -22.43 -2.11
C VAL B 85 4.44 -23.73 -2.79
N GLY B 86 3.45 -24.62 -2.98
CA GLY B 86 3.58 -25.86 -3.73
C GLY B 86 4.48 -26.85 -3.08
N GLY B 87 4.69 -26.68 -1.76
CA GLY B 87 5.66 -27.45 -1.02
C GLY B 87 7.12 -27.20 -1.40
N VAL B 88 7.39 -26.24 -2.28
CA VAL B 88 8.71 -26.09 -2.89
C VAL B 88 9.68 -25.36 -1.97
N GLY B 89 10.66 -26.11 -1.47
CA GLY B 89 11.60 -25.67 -0.45
C GLY B 89 11.12 -25.92 0.99
N LEU B 90 9.95 -26.53 1.12
CA LEU B 90 9.36 -26.81 2.42
C LEU B 90 9.59 -28.25 2.79
N PRO B 91 9.40 -28.59 4.06
CA PRO B 91 9.33 -29.98 4.41
C PRO B 91 8.12 -30.52 3.67
N ASP B 92 8.18 -31.82 3.38
CA ASP B 92 7.23 -32.45 2.49
C ASP B 92 5.81 -32.48 3.13
N THR B 93 5.73 -32.15 4.41
CA THR B 93 4.48 -32.43 5.19
C THR B 93 3.74 -31.14 5.27
N ILE B 94 4.41 -30.11 4.76
CA ILE B 94 3.83 -28.78 4.67
C ILE B 94 3.71 -28.29 3.22
N GLU B 95 2.52 -27.83 2.84
CA GLU B 95 2.20 -27.64 1.43
C GLU B 95 2.47 -26.25 1.13
N LYS B 96 2.29 -25.44 2.15
CA LYS B 96 2.32 -24.04 1.98
C LYS B 96 2.50 -23.38 3.36
N ILE B 97 3.26 -22.30 3.39
CA ILE B 97 3.27 -21.39 4.54
C ILE B 97 3.06 -19.98 4.11
N SER B 98 2.17 -19.27 4.81
CA SER B 98 1.78 -17.90 4.46
C SER B 98 2.12 -16.98 5.63
N PHE B 99 2.48 -15.75 5.27
CA PHE B 99 2.85 -14.74 6.23
C PHE B 99 2.03 -13.51 5.88
N GLU B 100 1.18 -13.07 6.79
CA GLU B 100 0.34 -11.89 6.57
C GLU B 100 0.91 -10.83 7.50
N THR B 101 1.56 -9.82 6.89
CA THR B 101 2.27 -8.83 7.64
C THR B 101 1.73 -7.45 7.47
N LYS B 102 1.82 -6.71 8.55
CA LYS B 102 1.44 -5.33 8.53
C LYS B 102 2.35 -4.56 9.46
N LEU B 103 2.71 -3.35 9.08
CA LEU B 103 3.55 -2.51 9.92
C LEU B 103 2.72 -1.41 10.52
N VAL B 104 2.98 -1.19 11.80
CA VAL B 104 2.39 -0.14 12.61
C VAL B 104 3.47 0.76 13.24
N GLU B 105 3.23 2.06 13.32
CA GLU B 105 4.17 2.96 13.96
C GLU B 105 4.18 2.78 15.49
N GLY B 106 5.35 2.57 16.08
CA GLY B 106 5.48 2.51 17.53
C GLY B 106 5.40 3.91 18.08
N ALA B 107 5.19 4.04 19.38
CA ALA B 107 5.04 5.37 19.97
C ALA B 107 6.29 6.21 19.76
N ASN B 108 7.45 5.53 19.71
CA ASN B 108 8.72 6.21 19.56
C ASN B 108 9.16 6.43 18.09
N GLY B 109 8.30 6.09 17.14
CA GLY B 109 8.53 6.34 15.70
C GLY B 109 9.17 5.20 14.91
N GLY B 110 9.53 4.13 15.60
CA GLY B 110 9.91 2.88 14.96
C GLY B 110 8.72 2.11 14.42
N SER B 111 8.94 0.84 14.11
CA SER B 111 7.92 -0.01 13.54
C SER B 111 7.57 -1.15 14.51
N ILE B 112 6.31 -1.56 14.49
CA ILE B 112 5.89 -2.84 15.05
C ILE B 112 5.47 -3.72 13.87
N GLY B 113 6.12 -4.88 13.75
CA GLY B 113 5.84 -5.83 12.70
C GLY B 113 4.85 -6.85 13.24
N LYS B 114 3.62 -6.83 12.73
CA LYS B 114 2.53 -7.73 13.17
C LYS B 114 2.34 -8.78 12.08
N VAL B 115 2.65 -10.04 12.39
CA VAL B 115 2.61 -11.17 11.47
C VAL B 115 1.64 -12.29 11.96
N THR B 116 0.76 -12.74 11.07
CA THR B 116 0.05 -13.98 11.22
C THR B 116 0.66 -14.98 10.27
N ILE B 117 1.00 -16.14 10.79
CA ILE B 117 1.62 -17.21 10.01
C ILE B 117 0.63 -18.38 9.90
N LYS B 118 0.47 -18.94 8.71
CA LYS B 118 -0.50 -20.00 8.46
C LYS B 118 0.21 -21.11 7.75
N ILE B 119 0.35 -22.24 8.42
CA ILE B 119 1.01 -23.43 7.85
C ILE B 119 -0.02 -24.44 7.39
N GLU B 120 -0.02 -24.75 6.09
CA GLU B 120 -0.94 -25.74 5.55
C GLU B 120 -0.32 -27.14 5.37
N THR B 121 -0.96 -28.14 5.95
CA THR B 121 -0.62 -29.54 5.78
C THR B 121 -1.67 -30.28 4.97
N LYS B 122 -1.40 -31.56 4.75
CA LYS B 122 -2.31 -32.51 4.06
C LYS B 122 -3.59 -32.95 4.82
N GLY B 123 -3.45 -33.53 6.01
CA GLY B 123 -4.59 -34.07 6.78
C GLY B 123 -4.77 -33.45 8.18
N ASP B 124 -4.82 -34.26 9.23
CA ASP B 124 -4.29 -33.81 10.53
C ASP B 124 -2.74 -33.91 10.36
N ALA B 125 -2.30 -35.04 9.79
CA ALA B 125 -0.94 -35.21 9.26
C ALA B 125 0.10 -35.28 10.38
N GLN B 126 1.33 -34.77 10.13
CA GLN B 126 2.38 -34.93 11.13
C GLN B 126 3.63 -34.04 11.02
N PRO B 127 3.49 -32.73 10.91
CA PRO B 127 4.68 -31.86 10.93
C PRO B 127 5.17 -31.71 12.37
N ASN B 128 6.39 -32.19 12.61
CA ASN B 128 6.86 -32.30 14.00
C ASN B 128 6.90 -30.92 14.68
N GLU B 129 8.01 -30.21 14.55
CA GLU B 129 8.23 -28.95 15.27
C GLU B 129 9.48 -28.28 14.69
N GLU B 130 10.51 -29.09 14.47
CA GLU B 130 11.62 -28.73 13.58
C GLU B 130 11.10 -28.38 12.18
N GLU B 131 10.16 -29.18 11.67
CA GLU B 131 9.55 -28.92 10.35
C GLU B 131 8.81 -27.58 10.38
N GLY B 132 8.03 -27.36 11.42
CA GLY B 132 7.33 -26.11 11.62
C GLY B 132 8.29 -24.94 11.65
N LYS B 133 9.41 -25.13 12.31
CA LYS B 133 10.39 -24.08 12.48
C LYS B 133 11.12 -23.85 11.18
N ALA B 134 11.43 -24.94 10.44
CA ALA B 134 12.00 -24.87 9.10
C ALA B 134 11.12 -24.05 8.12
N ALA B 135 9.83 -24.30 8.14
CA ALA B 135 8.96 -23.60 7.22
C ALA B 135 8.89 -22.12 7.58
N LYS B 136 8.89 -21.79 8.87
CA LYS B 136 8.81 -20.37 9.25
C LYS B 136 10.14 -19.71 8.87
N ALA B 137 11.26 -20.44 9.06
CA ALA B 137 12.58 -19.88 8.73
C ALA B 137 12.69 -19.51 7.25
N ARG B 138 12.05 -20.28 6.37
CA ARG B 138 12.06 -19.97 4.92
C ARG B 138 11.31 -18.65 4.64
N GLY B 139 10.28 -18.38 5.41
CA GLY B 139 9.55 -17.14 5.22
C GLY B 139 10.19 -15.89 5.75
N ASP B 140 11.17 -16.05 6.66
CA ASP B 140 11.93 -14.97 7.25
C ASP B 140 12.88 -14.27 6.24
N ALA B 141 13.25 -14.94 5.15
CA ALA B 141 14.02 -14.29 4.08
C ALA B 141 13.40 -12.99 3.63
N PHE B 142 12.05 -12.92 3.62
CA PHE B 142 11.25 -11.86 3.01
C PHE B 142 10.77 -10.77 3.94
N PHE B 143 11.14 -10.87 5.20
CA PHE B 143 10.65 -9.94 6.22
C PHE B 143 11.77 -9.74 7.25
N LYS B 144 11.94 -10.67 8.19
CA LYS B 144 12.92 -10.47 9.25
C LYS B 144 14.36 -10.29 8.78
N ALA B 145 14.78 -11.08 7.77
CA ALA B 145 16.15 -11.00 7.22
C ALA B 145 16.44 -9.63 6.62
N ILE B 146 15.44 -9.07 5.97
CA ILE B 146 15.58 -7.75 5.36
C ILE B 146 15.74 -6.67 6.43
N GLU B 147 14.84 -6.69 7.43
CA GLU B 147 14.93 -5.76 8.57
C GLU B 147 16.29 -5.84 9.25
N ASN B 148 16.77 -7.07 9.44
CA ASN B 148 18.10 -7.29 10.03
C ASN B 148 19.23 -6.72 9.20
N TYR B 149 19.20 -7.00 7.92
CA TYR B 149 20.19 -6.46 6.99
C TYR B 149 20.20 -4.91 6.97
N LEU B 150 19.04 -4.30 6.86
CA LEU B 150 18.96 -2.84 6.77
C LEU B 150 19.35 -2.16 8.08
N SER B 151 18.92 -2.74 9.20
CA SER B 151 19.33 -2.25 10.53
C SER B 151 20.85 -2.18 10.74
N ALA B 152 21.57 -3.14 10.15
CA ALA B 152 23.02 -3.22 10.25
C ALA B 152 23.75 -2.52 9.09
N HIS B 153 23.00 -2.07 8.08
CA HIS B 153 23.55 -1.32 6.94
C HIS B 153 23.79 0.13 7.35
N PRO B 154 24.94 0.71 6.99
CA PRO B 154 25.21 2.14 7.20
C PRO B 154 24.20 3.13 6.58
N GLU B 155 23.57 2.79 5.45
CA GLU B 155 22.48 3.62 4.91
C GLU B 155 21.45 3.97 6.01
N TYR B 156 21.04 2.98 6.81
CA TYR B 156 19.90 3.14 7.76
C TYR B 156 20.21 3.52 9.22
N ASN B 157 21.48 3.70 9.59
CA ASN B 157 21.85 3.88 11.01
C ASN B 157 21.76 5.34 11.50
NA NA C . 5.74 11.41 -7.54
N1 EPE D . -25.48 24.14 -3.09
C2 EPE D . -24.08 24.02 -2.68
C3 EPE D . -24.04 24.09 -1.16
N4 EPE D . -24.73 25.25 -0.58
C5 EPE D . -26.01 25.56 -1.22
C6 EPE D . -25.97 25.48 -2.74
C7 EPE D . -24.92 25.01 0.84
C8 EPE D . -24.98 26.30 1.65
O8 EPE D . -23.72 26.93 1.62
C9 EPE D . -25.69 23.76 -4.50
C10 EPE D . -25.95 22.25 -4.55
S EPE D . -26.54 21.70 -6.17
O1S EPE D . -25.82 22.45 -7.19
O2S EPE D . -27.98 21.94 -6.27
O3S EPE D . -26.31 20.27 -6.33
#